data_5E2B
#
_entry.id   5E2B
#
_cell.length_a   107.268
_cell.length_b   107.268
_cell.length_c   205.604
_cell.angle_alpha   90.000
_cell.angle_beta   90.000
_cell.angle_gamma   120.000
#
_symmetry.space_group_name_H-M   'P 65 2 2'
#
loop_
_entity.id
_entity.type
_entity.pdbx_description
1 polymer 'N-terminal Xaa-Pro-Lys N-methyltransferase 1'
2 polymer RCC1
3 non-polymer S-ADENOSYL-L-HOMOCYSTEINE
4 non-polymer GLYCEROL
5 non-polymer 'UNKNOWN ATOM OR ION'
6 water water
#
loop_
_entity_poly.entity_id
_entity_poly.type
_entity_poly.pdbx_seq_one_letter_code
_entity_poly.pdbx_strand_id
1 'polypeptide(L)'
;MGSSHHHHHHSSGLVPRGSTSEVIEDEKQFYSKAKTYWKQIPPTVDGMLGGYGHISSIDINSSRKFLQRFLREGPNKTGT
SCALDCGAGIGRITKRLLLPLFREVDMVDITEDFLVQAKTYLGEEGKRVRNYFCCGLQDFTPEPDSYDVIWIQWVIGHLT
DQHLAEFLRRCKGSLRPNGIIVIKDNMAQEGVILDDVDSSVCRDLDVVRRIICSAGLSLLAEERQENLPDEIYHVYSFAL
R
;
A,B
2 'polypeptide(L)' (3BY)PKRIA D,E
#
loop_
_chem_comp.id
_chem_comp.type
_chem_comp.name
_chem_comp.formula
GOL non-polymer GLYCEROL 'C3 H8 O3'
SAH non-polymer S-ADENOSYL-L-HOMOCYSTEINE 'C14 H20 N6 O5 S'
UNX non-polymer 'UNKNOWN ATOM OR ION' ?
#
# COMPACT_ATOMS: atom_id res chain seq x y z
N VAL A 15 15.74 -21.24 29.03
CA VAL A 15 14.75 -21.95 28.18
C VAL A 15 13.78 -20.95 27.53
N PRO A 16 13.50 -21.10 26.23
CA PRO A 16 12.36 -20.36 25.69
C PRO A 16 11.02 -20.87 26.27
N ARG A 17 10.07 -19.96 26.30
CA ARG A 17 8.70 -20.28 26.70
C ARG A 17 8.01 -20.99 25.55
N GLY A 18 7.19 -22.02 25.84
CA GLY A 18 6.45 -22.73 24.80
C GLY A 18 4.96 -22.57 24.84
N SER A 19 4.44 -21.92 25.87
CA SER A 19 3.03 -21.74 25.94
C SER A 19 2.61 -20.40 26.60
N THR A 20 1.44 -19.94 26.24
CA THR A 20 0.93 -18.68 26.81
C THR A 20 0.80 -18.75 28.31
N SER A 21 0.60 -19.95 28.87
CA SER A 21 0.50 -20.09 30.33
C SER A 21 1.79 -19.78 31.05
N GLU A 22 2.92 -19.70 30.32
CA GLU A 22 4.18 -19.22 30.88
C GLU A 22 4.33 -17.69 30.87
N VAL A 23 3.55 -17.00 30.06
CA VAL A 23 3.76 -15.56 29.91
C VAL A 23 2.57 -14.68 30.30
N ILE A 24 1.36 -15.25 30.44
CA ILE A 24 0.18 -14.45 30.75
C ILE A 24 -0.09 -14.51 32.24
N GLU A 25 0.08 -13.37 32.92
CA GLU A 25 -0.10 -13.37 34.35
C GLU A 25 -1.58 -13.61 34.76
N ASP A 26 -2.49 -13.02 33.98
CA ASP A 26 -3.87 -12.88 34.37
C ASP A 26 -4.69 -12.83 33.10
N GLU A 27 -5.38 -13.91 32.85
CA GLU A 27 -6.03 -14.06 31.55
C GLU A 27 -7.13 -12.97 31.34
N LYS A 28 -7.95 -12.74 32.37
CA LYS A 28 -8.98 -11.67 32.27
C LYS A 28 -8.33 -10.35 31.89
N GLN A 29 -7.24 -10.00 32.53
CA GLN A 29 -6.49 -8.77 32.22
C GLN A 29 -5.84 -8.77 30.84
N PHE A 30 -5.38 -9.95 30.39
CA PHE A 30 -4.82 -10.10 29.04
C PHE A 30 -5.86 -9.68 27.96
N TYR A 31 -7.08 -10.16 28.13
CA TYR A 31 -8.17 -9.81 27.23
C TYR A 31 -8.65 -8.36 27.45
N SER A 32 -8.86 -7.98 28.70
CA SER A 32 -9.38 -6.60 28.93
C SER A 32 -8.40 -5.49 28.49
N LYS A 33 -7.10 -5.67 28.73
CA LYS A 33 -6.12 -4.72 28.23
C LYS A 33 -6.14 -4.58 26.70
N ALA A 34 -6.19 -5.71 26.01
CA ALA A 34 -6.24 -5.69 24.55
C ALA A 34 -7.46 -4.94 24.01
N LYS A 35 -8.62 -5.23 24.62
CA LYS A 35 -9.85 -4.51 24.23
C LYS A 35 -9.74 -2.97 24.43
N THR A 36 -9.22 -2.55 25.59
CA THR A 36 -8.94 -1.11 25.85
C THR A 36 -7.96 -0.53 24.80
N TYR A 37 -6.91 -1.31 24.50
CA TYR A 37 -5.89 -0.83 23.53
C TYR A 37 -6.55 -0.57 22.17
N TRP A 38 -7.29 -1.53 21.63
CA TRP A 38 -7.89 -1.37 20.28
C TRP A 38 -8.97 -0.27 20.27
N LYS A 39 -9.67 -0.10 21.39
CA LYS A 39 -10.70 0.95 21.47
CA LYS A 39 -10.69 0.96 21.50
C LYS A 39 -10.10 2.36 21.26
N GLN A 40 -8.78 2.54 21.49
CA GLN A 40 -8.15 3.87 21.33
C GLN A 40 -7.24 3.97 20.12
N ILE A 41 -7.35 3.03 19.17
CA ILE A 41 -6.61 3.06 17.92
C ILE A 41 -7.53 3.67 16.86
N PRO A 42 -7.00 4.60 16.02
CA PRO A 42 -7.81 5.11 14.94
C PRO A 42 -8.32 4.07 13.98
N PRO A 43 -9.58 4.22 13.53
CA PRO A 43 -10.19 3.22 12.65
C PRO A 43 -9.72 3.41 11.19
N THR A 44 -8.42 3.23 10.98
CA THR A 44 -7.77 3.51 9.70
C THR A 44 -6.89 2.35 9.33
N VAL A 45 -6.47 2.30 8.07
CA VAL A 45 -5.51 1.23 7.67
C VAL A 45 -4.21 1.29 8.50
N ASP A 46 -3.72 2.51 8.75
CA ASP A 46 -2.51 2.63 9.52
C ASP A 46 -2.73 2.17 10.97
N GLY A 47 -3.93 2.34 11.50
CA GLY A 47 -4.23 1.77 12.80
C GLY A 47 -4.28 0.23 12.83
N MET A 48 -4.92 -0.35 11.81
CA MET A 48 -4.96 -1.78 11.62
C MET A 48 -3.54 -2.35 11.53
N LEU A 49 -2.63 -1.62 10.90
CA LEU A 49 -1.28 -2.14 10.63
C LEU A 49 -0.21 -1.51 11.52
N GLY A 50 -0.61 -0.94 12.65
CA GLY A 50 0.37 -0.50 13.60
C GLY A 50 1.42 0.49 13.09
N GLY A 51 1.02 1.46 12.28
CA GLY A 51 1.97 2.41 11.70
C GLY A 51 2.57 1.91 10.37
N TYR A 52 2.28 0.68 9.97
CA TYR A 52 2.82 0.12 8.73
C TYR A 52 1.76 0.08 7.62
N GLY A 53 0.85 1.06 7.61
CA GLY A 53 -0.21 1.08 6.56
C GLY A 53 0.36 0.99 5.11
N HIS A 54 1.54 1.52 4.93
CA HIS A 54 2.23 1.47 3.65
C HIS A 54 2.57 0.07 3.10
N ILE A 55 2.64 -0.96 3.94
CA ILE A 55 2.86 -2.33 3.48
C ILE A 55 1.59 -3.03 3.01
N SER A 56 0.43 -2.37 3.03
CA SER A 56 -0.80 -3.08 2.80
C SER A 56 -0.89 -3.78 1.43
N SER A 57 -0.43 -3.11 0.38
CA SER A 57 -0.55 -3.67 -0.96
C SER A 57 0.37 -4.88 -1.18
N ILE A 58 1.58 -4.81 -0.62
CA ILE A 58 2.51 -5.98 -0.58
C ILE A 58 1.84 -7.17 0.07
N ASP A 59 1.23 -6.92 1.22
CA ASP A 59 0.52 -7.94 1.95
C ASP A 59 -0.62 -8.52 1.11
N ILE A 60 -1.48 -7.63 0.57
CA ILE A 60 -2.68 -8.10 -0.10
C ILE A 60 -2.29 -8.87 -1.37
N ASN A 61 -1.30 -8.38 -2.10
CA ASN A 61 -0.86 -9.11 -3.28
C ASN A 61 -0.41 -10.56 -2.98
N SER A 62 0.38 -10.73 -1.94
CA SER A 62 0.90 -12.04 -1.53
C SER A 62 -0.21 -12.93 -1.05
N SER A 63 -1.16 -12.36 -0.33
CA SER A 63 -2.32 -13.11 0.17
C SER A 63 -3.16 -13.59 -0.99
N ARG A 64 -3.34 -12.75 -2.02
CA ARG A 64 -4.11 -13.16 -3.16
C ARG A 64 -3.45 -14.37 -3.93
N LYS A 65 -2.14 -14.26 -4.22
CA LYS A 65 -1.41 -15.34 -4.85
C LYS A 65 -1.53 -16.63 -4.04
N PHE A 66 -1.35 -16.51 -2.74
CA PHE A 66 -1.46 -17.64 -1.82
C PHE A 66 -2.83 -18.34 -1.92
N LEU A 67 -3.88 -17.57 -1.81
CA LEU A 67 -5.25 -18.07 -1.89
C LEU A 67 -5.60 -18.67 -3.22
N GLN A 68 -5.11 -18.03 -4.28
CA GLN A 68 -5.43 -18.51 -5.61
C GLN A 68 -4.92 -19.93 -5.93
N ARG A 69 -3.91 -20.38 -5.24
CA ARG A 69 -3.47 -21.78 -5.33
C ARG A 69 -4.67 -22.77 -5.03
N PHE A 70 -5.60 -22.36 -4.16
CA PHE A 70 -6.70 -23.24 -3.70
C PHE A 70 -7.97 -23.12 -4.51
N LEU A 71 -7.97 -22.16 -5.46
CA LEU A 71 -9.15 -21.88 -6.25
C LEU A 71 -9.12 -22.45 -7.63
N ARG A 72 -8.08 -23.23 -7.98
CA ARG A 72 -8.00 -23.87 -9.29
C ARG A 72 -9.06 -24.95 -9.39
N GLU A 73 -9.51 -25.22 -10.60
CA GLU A 73 -10.44 -26.29 -10.84
C GLU A 73 -9.77 -27.65 -10.50
N GLY A 74 -10.59 -28.55 -10.00
CA GLY A 74 -10.16 -29.90 -9.64
C GLY A 74 -10.97 -30.37 -8.48
N PRO A 75 -10.70 -31.59 -8.00
CA PRO A 75 -11.48 -32.23 -6.96
C PRO A 75 -11.52 -31.51 -5.73
N ASN A 76 -10.47 -30.77 -5.41
CA ASN A 76 -10.40 -30.12 -4.14
C ASN A 76 -10.63 -28.61 -4.16
N LYS A 77 -11.14 -28.12 -5.29
CA LYS A 77 -11.29 -26.67 -5.48
C LYS A 77 -12.06 -26.06 -4.31
N THR A 78 -11.49 -25.05 -3.67
CA THR A 78 -12.18 -24.28 -2.67
C THR A 78 -13.25 -23.39 -3.33
N GLY A 79 -14.42 -23.34 -2.73
CA GLY A 79 -15.52 -22.54 -3.29
C GLY A 79 -15.36 -21.02 -3.07
N THR A 80 -16.26 -20.27 -3.68
CA THR A 80 -16.19 -18.83 -3.64
C THR A 80 -17.55 -18.20 -3.27
N SER A 81 -18.39 -18.93 -2.49
CA SER A 81 -19.68 -18.40 -2.01
CA SER A 81 -19.69 -18.40 -2.07
C SER A 81 -19.54 -17.47 -0.82
N CYS A 82 -18.69 -17.82 0.14
CA CYS A 82 -18.66 -17.10 1.41
C CYS A 82 -17.32 -17.27 2.14
N ALA A 83 -16.79 -16.14 2.57
CA ALA A 83 -15.61 -16.09 3.40
C ALA A 83 -15.93 -15.46 4.74
N LEU A 84 -15.12 -15.81 5.73
CA LEU A 84 -15.18 -15.21 7.08
C LEU A 84 -13.85 -14.48 7.36
N ASP A 85 -13.92 -13.18 7.65
CA ASP A 85 -12.72 -12.38 8.00
C ASP A 85 -12.70 -12.22 9.49
N CYS A 86 -11.68 -12.84 10.13
CA CYS A 86 -11.57 -12.91 11.60
C CYS A 86 -10.59 -11.86 12.11
N GLY A 87 -10.98 -11.14 13.15
CA GLY A 87 -10.19 -9.95 13.57
C GLY A 87 -10.13 -8.93 12.43
N ALA A 88 -11.22 -8.76 11.74
CA ALA A 88 -11.28 -8.03 10.45
C ALA A 88 -10.97 -6.55 10.56
N GLY A 89 -11.14 -6.00 11.75
CA GLY A 89 -11.05 -4.52 11.92
C GLY A 89 -12.00 -3.80 10.99
N ILE A 90 -11.46 -2.74 10.35
CA ILE A 90 -12.25 -1.92 9.44
C ILE A 90 -12.55 -2.61 8.11
N GLY A 91 -12.01 -3.80 7.89
CA GLY A 91 -12.17 -4.52 6.66
C GLY A 91 -11.11 -4.28 5.57
N ARG A 92 -9.87 -3.98 5.91
CA ARG A 92 -8.77 -3.82 4.94
C ARG A 92 -8.69 -5.08 4.01
N ILE A 93 -8.76 -6.23 4.63
CA ILE A 93 -8.59 -7.50 3.88
C ILE A 93 -9.93 -7.85 3.18
N THR A 94 -11.04 -7.59 3.88
CA THR A 94 -12.36 -7.77 3.27
C THR A 94 -12.46 -6.96 1.98
N LYS A 95 -12.02 -5.69 2.01
CA LYS A 95 -12.20 -4.81 0.88
C LYS A 95 -11.37 -5.27 -0.33
N ARG A 96 -10.09 -5.54 -0.10
CA ARG A 96 -9.17 -5.69 -1.23
C ARG A 96 -8.92 -7.11 -1.65
N LEU A 97 -9.01 -8.05 -0.73
CA LEU A 97 -8.81 -9.47 -1.03
C LEU A 97 -10.09 -10.25 -1.20
N LEU A 98 -10.94 -10.18 -0.19
CA LEU A 98 -12.10 -11.14 -0.09
C LEU A 98 -13.35 -10.78 -0.88
N LEU A 99 -13.85 -9.54 -0.75
CA LEU A 99 -14.99 -9.12 -1.54
C LEU A 99 -14.87 -9.32 -3.03
N PRO A 100 -13.67 -9.05 -3.63
CA PRO A 100 -13.55 -9.36 -5.04
C PRO A 100 -13.69 -10.81 -5.45
N LEU A 101 -13.41 -11.74 -4.55
CA LEU A 101 -13.35 -13.17 -4.85
C LEU A 101 -14.53 -13.99 -4.33
N PHE A 102 -15.27 -13.47 -3.33
CA PHE A 102 -16.34 -14.23 -2.65
C PHE A 102 -17.65 -13.51 -2.77
N ARG A 103 -18.70 -14.25 -3.06
CA ARG A 103 -20.00 -13.64 -3.30
CA ARG A 103 -20.02 -13.65 -3.28
C ARG A 103 -20.46 -12.85 -2.05
N GLU A 104 -20.21 -13.40 -0.87
CA GLU A 104 -20.51 -12.70 0.42
C GLU A 104 -19.37 -12.89 1.36
N VAL A 105 -19.26 -12.00 2.32
CA VAL A 105 -18.22 -12.10 3.32
C VAL A 105 -18.85 -11.77 4.65
N ASP A 106 -18.46 -12.47 5.69
CA ASP A 106 -18.84 -12.09 7.05
C ASP A 106 -17.58 -11.60 7.72
N MET A 107 -17.73 -10.64 8.63
CA MET A 107 -16.65 -10.08 9.43
C MET A 107 -16.90 -10.34 10.92
N VAL A 108 -15.83 -10.63 11.66
CA VAL A 108 -15.91 -10.67 13.11
C VAL A 108 -14.75 -9.92 13.72
N ASP A 109 -15.07 -9.07 14.69
CA ASP A 109 -14.06 -8.28 15.40
C ASP A 109 -14.58 -7.90 16.75
N ILE A 110 -13.65 -7.74 17.68
CA ILE A 110 -14.04 -7.32 19.01
C ILE A 110 -14.38 -5.81 19.14
N THR A 111 -13.92 -5.00 18.20
CA THR A 111 -13.96 -3.53 18.38
C THR A 111 -15.12 -2.93 17.55
N GLU A 112 -16.19 -2.54 18.23
CA GLU A 112 -17.41 -2.09 17.56
C GLU A 112 -17.11 -0.90 16.64
N ASP A 113 -16.29 0.04 17.09
CA ASP A 113 -15.96 1.25 16.30
C ASP A 113 -15.38 0.88 14.92
N PHE A 114 -14.64 -0.21 14.87
CA PHE A 114 -14.07 -0.65 13.59
C PHE A 114 -15.11 -1.18 12.61
N LEU A 115 -16.04 -1.99 13.14
CA LEU A 115 -17.15 -2.53 12.34
C LEU A 115 -18.07 -1.39 11.88
N VAL A 116 -18.28 -0.38 12.71
CA VAL A 116 -19.02 0.81 12.27
C VAL A 116 -18.27 1.52 11.11
N GLN A 117 -16.95 1.74 11.28
CA GLN A 117 -16.17 2.38 10.23
C GLN A 117 -16.16 1.58 8.92
N ALA A 118 -16.14 0.24 9.05
CA ALA A 118 -16.15 -0.67 7.91
C ALA A 118 -17.28 -0.34 6.94
N LYS A 119 -18.44 0.00 7.47
CA LYS A 119 -19.56 0.32 6.61
C LYS A 119 -19.22 1.50 5.69
N THR A 120 -18.46 2.50 6.16
CA THR A 120 -18.00 3.56 5.27
C THR A 120 -16.82 3.09 4.40
N TYR A 121 -15.84 2.47 5.04
CA TYR A 121 -14.61 2.07 4.38
C TYR A 121 -14.86 1.14 3.16
N LEU A 122 -15.81 0.22 3.30
CA LEU A 122 -16.03 -0.79 2.29
C LEU A 122 -16.83 -0.24 1.10
N GLY A 123 -17.52 0.87 1.30
CA GLY A 123 -18.27 1.51 0.22
C GLY A 123 -19.37 0.59 -0.30
N GLU A 124 -19.65 0.73 -1.57
CA GLU A 124 -20.75 0.04 -2.22
C GLU A 124 -20.59 -1.51 -2.21
N GLU A 125 -19.38 -1.97 -2.46
CA GLU A 125 -19.08 -3.42 -2.39
C GLU A 125 -19.36 -4.01 -1.02
N GLY A 126 -19.21 -3.19 0.04
CA GLY A 126 -19.57 -3.54 1.41
C GLY A 126 -21.03 -3.96 1.60
N LYS A 127 -21.87 -3.64 0.62
CA LYS A 127 -23.24 -4.19 0.61
C LYS A 127 -23.28 -5.76 0.55
N ARG A 128 -22.20 -6.38 0.08
CA ARG A 128 -22.10 -7.86 0.11
C ARG A 128 -21.50 -8.45 1.42
N VAL A 129 -21.12 -7.60 2.36
CA VAL A 129 -20.84 -8.07 3.72
C VAL A 129 -22.17 -8.42 4.31
N ARG A 130 -22.28 -9.64 4.78
CA ARG A 130 -23.53 -10.14 5.24
C ARG A 130 -23.61 -9.88 6.78
N ASN A 131 -22.94 -10.67 7.59
CA ASN A 131 -22.92 -10.50 9.05
C ASN A 131 -21.71 -9.70 9.51
N TYR A 132 -21.99 -8.69 10.32
CA TYR A 132 -20.95 -8.00 11.11
C TYR A 132 -21.05 -8.48 12.57
N PHE A 133 -20.16 -9.35 12.98
CA PHE A 133 -20.28 -9.93 14.32
C PHE A 133 -19.33 -9.14 15.21
N CYS A 134 -19.86 -8.55 16.24
CA CYS A 134 -19.01 -7.83 17.20
C CYS A 134 -18.83 -8.70 18.45
N CYS A 135 -17.69 -9.38 18.52
N CYS A 135 -17.73 -9.45 18.52
CA CYS A 135 -17.44 -10.46 19.47
CA CYS A 135 -17.37 -10.17 19.74
C CYS A 135 -15.94 -10.76 19.52
C CYS A 135 -15.97 -10.73 19.56
N GLY A 136 -15.42 -11.22 20.66
CA GLY A 136 -14.11 -11.80 20.70
C GLY A 136 -14.13 -13.14 20.00
N LEU A 137 -13.03 -13.53 19.34
CA LEU A 137 -12.91 -14.85 18.73
C LEU A 137 -13.14 -15.94 19.74
N GLN A 138 -12.68 -15.68 20.96
CA GLN A 138 -12.77 -16.64 22.03
C GLN A 138 -14.19 -16.92 22.43
N ASP A 139 -15.11 -16.02 22.06
CA ASP A 139 -16.53 -16.19 22.34
C ASP A 139 -17.39 -16.48 21.07
N PHE A 140 -16.76 -16.67 19.93
CA PHE A 140 -17.45 -16.74 18.63
C PHE A 140 -17.54 -18.19 18.12
N THR A 141 -18.75 -18.64 17.80
CA THR A 141 -18.96 -19.96 17.22
C THR A 141 -19.59 -19.82 15.82
N PRO A 142 -18.74 -19.87 14.78
CA PRO A 142 -19.27 -19.73 13.39
C PRO A 142 -20.22 -20.83 13.00
N GLU A 143 -21.22 -20.47 12.20
CA GLU A 143 -22.28 -21.40 11.83
C GLU A 143 -21.65 -22.64 11.15
N PRO A 144 -22.11 -23.87 11.50
CA PRO A 144 -21.60 -25.02 10.77
C PRO A 144 -21.78 -24.93 9.28
N ASP A 145 -20.83 -25.48 8.49
CA ASP A 145 -20.99 -25.66 7.06
C ASP A 145 -21.36 -24.34 6.33
N SER A 146 -20.62 -23.29 6.64
CA SER A 146 -20.95 -21.96 6.14
C SER A 146 -19.89 -21.26 5.31
N TYR A 147 -18.62 -21.54 5.49
CA TYR A 147 -17.56 -20.76 4.86
C TYR A 147 -16.62 -21.61 4.00
N ASP A 148 -16.31 -21.07 2.83
CA ASP A 148 -15.32 -21.64 1.95
C ASP A 148 -13.91 -21.27 2.40
N VAL A 149 -13.73 -20.06 2.89
CA VAL A 149 -12.46 -19.60 3.43
C VAL A 149 -12.68 -18.86 4.74
N ILE A 150 -11.92 -19.24 5.76
CA ILE A 150 -11.90 -18.52 7.01
C ILE A 150 -10.54 -17.92 7.11
N TRP A 151 -10.48 -16.59 7.07
CA TRP A 151 -9.25 -15.85 6.99
C TRP A 151 -8.91 -15.23 8.37
N ILE A 152 -7.79 -15.61 8.97
CA ILE A 152 -7.43 -15.17 10.31
C ILE A 152 -6.08 -14.48 10.24
N GLN A 153 -6.06 -13.15 10.30
CA GLN A 153 -4.83 -12.42 10.04
C GLN A 153 -4.57 -11.36 11.10
N TRP A 154 -3.35 -11.42 11.66
CA TRP A 154 -2.84 -10.42 12.58
C TRP A 154 -3.79 -10.28 13.81
N VAL A 155 -4.18 -11.43 14.35
CA VAL A 155 -5.03 -11.48 15.53
C VAL A 155 -4.77 -12.69 16.44
N ILE A 156 -4.09 -13.74 15.96
CA ILE A 156 -4.00 -14.97 16.77
C ILE A 156 -3.24 -14.72 18.07
N GLY A 157 -2.36 -13.72 18.07
CA GLY A 157 -1.64 -13.31 19.26
C GLY A 157 -2.51 -12.78 20.41
N HIS A 158 -3.75 -12.44 20.11
CA HIS A 158 -4.69 -12.00 21.10
C HIS A 158 -5.44 -13.09 21.84
N LEU A 159 -5.22 -14.34 21.46
CA LEU A 159 -5.87 -15.43 22.13
C LEU A 159 -4.88 -16.27 22.88
N THR A 160 -5.30 -16.83 23.98
CA THR A 160 -4.49 -17.84 24.69
C THR A 160 -4.34 -19.12 23.85
N ASP A 161 -3.40 -19.99 24.21
CA ASP A 161 -3.20 -21.24 23.45
C ASP A 161 -4.52 -22.07 23.48
N GLN A 162 -5.14 -22.15 24.66
CA GLN A 162 -6.38 -22.93 24.78
C GLN A 162 -7.51 -22.32 23.91
N HIS A 163 -7.62 -20.98 23.96
CA HIS A 163 -8.68 -20.34 23.18
C HIS A 163 -8.42 -20.42 21.70
N LEU A 164 -7.15 -20.34 21.31
CA LEU A 164 -6.82 -20.39 19.89
C LEU A 164 -7.14 -21.82 19.34
N ALA A 165 -6.73 -22.84 20.08
CA ALA A 165 -6.98 -24.24 19.68
C ALA A 165 -8.49 -24.43 19.56
N GLU A 166 -9.23 -24.00 20.55
CA GLU A 166 -10.69 -24.12 20.53
C GLU A 166 -11.35 -23.38 19.37
N PHE A 167 -10.91 -22.15 19.16
CA PHE A 167 -11.43 -21.34 18.05
C PHE A 167 -11.19 -22.05 16.70
N LEU A 168 -9.97 -22.57 16.52
CA LEU A 168 -9.64 -23.34 15.30
C LEU A 168 -10.52 -24.62 15.16
N ARG A 169 -10.84 -25.32 16.27
CA ARG A 169 -11.76 -26.44 16.18
C ARG A 169 -13.20 -26.00 15.68
N ARG A 170 -13.68 -24.88 16.24
CA ARG A 170 -15.00 -24.34 15.86
C ARG A 170 -14.96 -23.89 14.40
N CYS A 171 -13.87 -23.28 13.99
CA CYS A 171 -13.67 -22.93 12.57
C CYS A 171 -13.71 -24.14 11.64
N LYS A 172 -13.06 -25.22 12.06
CA LYS A 172 -13.07 -26.46 11.27
C LYS A 172 -14.49 -26.94 11.03
N GLY A 173 -15.34 -26.87 12.05
CA GLY A 173 -16.77 -27.31 11.93
C GLY A 173 -17.61 -26.34 11.09
N SER A 174 -17.08 -25.17 10.77
CA SER A 174 -17.85 -24.19 9.98
CA SER A 174 -17.76 -24.13 10.00
C SER A 174 -17.46 -24.20 8.48
N LEU A 175 -16.48 -25.05 8.09
CA LEU A 175 -16.02 -25.11 6.68
C LEU A 175 -16.98 -25.89 5.83
N ARG A 176 -17.27 -25.35 4.67
CA ARG A 176 -17.97 -26.02 3.61
C ARG A 176 -17.02 -27.13 3.04
N PRO A 177 -17.55 -28.05 2.24
CA PRO A 177 -16.69 -29.02 1.59
C PRO A 177 -15.61 -28.28 0.80
N ASN A 178 -14.38 -28.78 0.94
CA ASN A 178 -13.18 -28.22 0.27
C ASN A 178 -12.76 -26.87 0.83
N GLY A 179 -13.36 -26.49 1.94
CA GLY A 179 -13.03 -25.22 2.58
C GLY A 179 -11.66 -25.26 3.26
N ILE A 180 -11.09 -24.09 3.45
CA ILE A 180 -9.83 -23.92 4.12
C ILE A 180 -9.86 -22.83 5.17
N ILE A 181 -8.97 -22.96 6.16
CA ILE A 181 -8.65 -21.88 7.09
C ILE A 181 -7.28 -21.35 6.72
N VAL A 182 -7.14 -20.01 6.72
CA VAL A 182 -5.85 -19.38 6.49
C VAL A 182 -5.50 -18.57 7.75
N ILE A 183 -4.31 -18.84 8.27
CA ILE A 183 -3.70 -18.00 9.31
C ILE A 183 -2.56 -17.25 8.69
N LYS A 184 -2.52 -15.93 8.91
CA LYS A 184 -1.38 -15.13 8.43
C LYS A 184 -1.02 -14.24 9.60
N ASP A 185 0.19 -14.37 10.10
CA ASP A 185 0.54 -13.67 11.33
C ASP A 185 2.02 -13.53 11.56
N ASN A 186 2.33 -12.69 12.53
CA ASN A 186 3.65 -12.53 13.08
C ASN A 186 4.10 -13.81 13.74
N MET A 187 5.36 -14.14 13.53
CA MET A 187 5.97 -15.31 14.14
C MET A 187 7.25 -14.88 14.79
N ALA A 188 7.49 -15.40 15.99
CA ALA A 188 8.76 -15.21 16.72
C ALA A 188 9.82 -16.18 16.21
N GLN A 189 11.06 -15.77 16.26
CA GLN A 189 12.17 -16.65 15.92
CA GLN A 189 12.19 -16.63 15.97
C GLN A 189 12.17 -17.86 16.88
N GLU A 190 11.91 -17.64 18.18
CA GLU A 190 11.97 -18.70 19.19
C GLU A 190 11.09 -18.31 20.37
N GLY A 191 10.24 -19.22 20.79
CA GLY A 191 9.44 -19.08 21.99
C GLY A 191 8.12 -18.39 21.84
N VAL A 192 7.69 -17.80 22.95
CA VAL A 192 6.38 -17.11 23.03
C VAL A 192 6.67 -15.80 23.76
N ILE A 193 6.42 -14.69 23.07
CA ILE A 193 6.90 -13.41 23.51
C ILE A 193 5.71 -12.51 23.78
N LEU A 194 5.60 -12.00 25.00
CA LEU A 194 4.48 -11.10 25.38
C LEU A 194 4.80 -9.63 24.98
N ASP A 195 3.88 -9.02 24.26
CA ASP A 195 3.81 -7.56 24.08
C ASP A 195 2.79 -6.97 25.11
N ASP A 196 3.28 -6.38 26.19
CA ASP A 196 2.40 -5.92 27.29
C ASP A 196 1.73 -4.54 27.06
N VAL A 197 2.02 -3.96 25.92
CA VAL A 197 1.41 -2.73 25.48
C VAL A 197 0.12 -2.99 24.72
N ASP A 198 0.14 -3.77 23.63
CA ASP A 198 -1.11 -4.15 23.02
C ASP A 198 -1.81 -5.42 23.61
N SER A 199 -1.12 -6.08 24.56
CA SER A 199 -1.62 -7.27 25.24
C SER A 199 -1.88 -8.40 24.24
N SER A 200 -0.77 -8.87 23.67
CA SER A 200 -0.73 -9.96 22.68
C SER A 200 0.58 -10.73 22.83
N VAL A 201 0.59 -11.93 22.22
CA VAL A 201 1.79 -12.73 22.15
C VAL A 201 2.19 -13.01 20.70
N CYS A 202 3.47 -13.25 20.52
CA CYS A 202 4.04 -13.62 19.25
C CYS A 202 4.63 -15.01 19.50
N ARG A 203 4.28 -16.01 18.73
CA ARG A 203 4.73 -17.40 18.94
C ARG A 203 5.64 -17.90 17.79
N ASP A 204 6.56 -18.78 18.10
CA ASP A 204 7.45 -19.36 17.07
C ASP A 204 6.67 -20.37 16.20
N LEU A 205 7.26 -20.72 15.04
CA LEU A 205 6.55 -21.60 14.10
C LEU A 205 6.21 -22.97 14.74
N ASP A 206 7.10 -23.50 15.54
CA ASP A 206 6.87 -24.81 16.24
C ASP A 206 5.64 -24.75 17.14
N VAL A 207 5.48 -23.62 17.84
CA VAL A 207 4.33 -23.46 18.73
C VAL A 207 3.05 -23.38 17.93
N VAL A 208 3.06 -22.58 16.85
CA VAL A 208 1.91 -22.40 16.09
C VAL A 208 1.52 -23.76 15.45
N ARG A 209 2.48 -24.46 14.88
CA ARG A 209 2.17 -25.77 14.29
C ARG A 209 1.59 -26.78 15.33
N ARG A 210 2.10 -26.73 16.56
CA ARG A 210 1.59 -27.56 17.61
C ARG A 210 0.10 -27.30 17.87
N ILE A 211 -0.26 -26.03 17.91
CA ILE A 211 -1.62 -25.61 18.18
C ILE A 211 -2.55 -26.03 17.03
N ILE A 212 -2.07 -25.82 15.82
CA ILE A 212 -2.81 -26.25 14.66
C ILE A 212 -3.11 -27.78 14.73
N CYS A 213 -2.07 -28.58 14.98
CA CYS A 213 -2.23 -30.01 15.13
C CYS A 213 -3.22 -30.37 16.28
N SER A 214 -3.14 -29.68 17.41
CA SER A 214 -4.05 -29.90 18.55
CA SER A 214 -4.04 -29.96 18.53
C SER A 214 -5.50 -29.68 18.15
N ALA A 215 -5.72 -28.76 17.20
CA ALA A 215 -7.06 -28.45 16.73
C ALA A 215 -7.58 -29.45 15.71
N GLY A 216 -6.82 -30.50 15.43
CA GLY A 216 -7.26 -31.53 14.42
C GLY A 216 -7.18 -30.98 12.97
N LEU A 217 -6.25 -30.08 12.72
CA LEU A 217 -6.05 -29.49 11.43
C LEU A 217 -4.68 -29.90 10.86
N SER A 218 -4.59 -29.84 9.54
CA SER A 218 -3.37 -30.23 8.82
C SER A 218 -2.97 -29.09 7.91
N LEU A 219 -1.67 -28.98 7.67
CA LEU A 219 -1.11 -27.99 6.76
CA LEU A 219 -1.14 -27.95 6.76
C LEU A 219 -1.24 -28.38 5.29
N LEU A 220 -1.84 -27.50 4.50
CA LEU A 220 -1.78 -27.58 3.07
C LEU A 220 -0.60 -26.81 2.47
N ALA A 221 -0.24 -25.69 3.08
CA ALA A 221 0.87 -24.90 2.56
C ALA A 221 1.32 -23.94 3.68
N GLU A 222 2.57 -23.50 3.62
CA GLU A 222 3.12 -22.53 4.60
C GLU A 222 4.05 -21.64 3.78
N GLU A 223 3.97 -20.34 3.97
CA GLU A 223 4.80 -19.45 3.18
C GLU A 223 5.21 -18.25 3.99
N ARG A 224 6.50 -17.93 3.96
CA ARG A 224 6.99 -16.67 4.52
C ARG A 224 6.60 -15.47 3.63
N GLN A 225 6.13 -14.41 4.24
CA GLN A 225 5.88 -13.12 3.55
C GLN A 225 7.20 -12.43 3.22
N GLU A 226 7.39 -12.16 1.95
CA GLU A 226 8.54 -11.44 1.45
C GLU A 226 8.29 -9.90 1.40
N ASN A 227 9.40 -9.17 1.23
CA ASN A 227 9.42 -7.72 0.97
C ASN A 227 8.90 -6.87 2.12
N LEU A 228 9.05 -7.37 3.35
CA LEU A 228 8.73 -6.59 4.53
C LEU A 228 9.93 -5.83 5.06
N PRO A 229 9.68 -4.75 5.84
CA PRO A 229 10.79 -4.00 6.49
C PRO A 229 11.59 -4.95 7.37
N ASP A 230 12.91 -4.77 7.39
CA ASP A 230 13.81 -5.65 8.12
CA ASP A 230 13.83 -5.64 8.12
C ASP A 230 13.55 -5.74 9.64
N GLU A 231 12.94 -4.69 10.22
CA GLU A 231 12.89 -4.60 11.66
C GLU A 231 11.71 -5.29 12.32
N ILE A 232 10.75 -5.76 11.52
CA ILE A 232 9.55 -6.35 12.08
C ILE A 232 9.62 -7.87 12.19
N TYR A 233 8.76 -8.45 13.01
CA TYR A 233 8.66 -9.90 13.12
C TYR A 233 8.37 -10.47 11.71
N HIS A 234 8.95 -11.62 11.44
CA HIS A 234 8.62 -12.35 10.21
C HIS A 234 7.13 -12.68 10.21
N VAL A 235 6.56 -12.77 9.01
CA VAL A 235 5.15 -13.06 8.89
C VAL A 235 5.00 -14.32 8.02
N TYR A 236 4.11 -15.21 8.43
CA TYR A 236 3.89 -16.46 7.64
C TYR A 236 2.44 -16.66 7.42
N SER A 237 2.14 -17.31 6.32
CA SER A 237 0.78 -17.77 5.98
C SER A 237 0.74 -19.30 6.03
N PHE A 238 -0.37 -19.80 6.57
CA PHE A 238 -0.63 -21.25 6.66
C PHE A 238 -2.02 -21.46 6.08
N ALA A 239 -2.15 -22.43 5.18
CA ALA A 239 -3.50 -22.88 4.73
C ALA A 239 -3.78 -24.24 5.36
N LEU A 240 -4.95 -24.40 5.95
CA LEU A 240 -5.25 -25.54 6.79
C LEU A 240 -6.56 -26.16 6.38
N ARG A 241 -6.68 -27.45 6.63
CA ARG A 241 -8.01 -28.13 6.66
C ARG A 241 -8.02 -29.30 7.61
N ARG B 17 21.59 -3.92 -17.47
CA ARG B 17 20.50 -3.71 -18.49
C ARG B 17 20.26 -2.23 -18.74
N GLY B 18 20.26 -1.82 -20.01
CA GLY B 18 20.28 -0.37 -20.38
C GLY B 18 18.98 0.36 -20.74
N SER B 19 17.86 -0.36 -20.73
CA SER B 19 16.57 0.17 -21.21
C SER B 19 15.40 -0.63 -20.67
N THR B 20 14.18 -0.06 -20.70
CA THR B 20 12.99 -0.80 -20.19
C THR B 20 12.66 -2.02 -21.02
N SER B 21 12.94 -1.94 -22.32
CA SER B 21 12.51 -3.02 -23.19
C SER B 21 13.36 -4.30 -22.99
N GLU B 22 14.47 -4.17 -22.27
CA GLU B 22 15.32 -5.27 -21.86
C GLU B 22 14.93 -5.85 -20.51
N VAL B 23 14.29 -5.07 -19.64
CA VAL B 23 13.90 -5.58 -18.31
C VAL B 23 12.41 -5.88 -18.17
N ILE B 24 11.55 -5.33 -19.03
CA ILE B 24 10.13 -5.57 -18.94
C ILE B 24 9.83 -6.71 -19.87
N GLU B 25 9.47 -7.85 -19.30
CA GLU B 25 9.10 -9.02 -20.06
C GLU B 25 7.73 -8.87 -20.75
N ASP B 26 6.76 -8.18 -20.14
CA ASP B 26 5.39 -8.12 -20.64
C ASP B 26 4.86 -6.77 -20.29
N GLU B 27 4.68 -5.94 -21.32
CA GLU B 27 4.28 -4.59 -21.13
C GLU B 27 2.86 -4.42 -20.54
N LYS B 28 1.91 -5.21 -21.04
CA LYS B 28 0.55 -5.13 -20.52
C LYS B 28 0.56 -5.40 -18.97
N GLN B 29 1.35 -6.38 -18.54
CA GLN B 29 1.42 -6.78 -17.12
C GLN B 29 2.16 -5.74 -16.31
N PHE B 30 3.20 -5.14 -16.88
CA PHE B 30 3.91 -4.03 -16.24
C PHE B 30 2.94 -2.92 -15.80
N TYR B 31 2.02 -2.55 -16.68
CA TYR B 31 1.03 -1.54 -16.39
C TYR B 31 -0.09 -2.07 -15.49
N SER B 32 -0.63 -3.26 -15.76
CA SER B 32 -1.75 -3.73 -14.97
C SER B 32 -1.32 -3.98 -13.50
N LYS B 33 -0.16 -4.61 -13.31
CA LYS B 33 0.34 -4.89 -11.95
C LYS B 33 0.50 -3.56 -11.16
N ALA B 34 0.98 -2.50 -11.83
CA ALA B 34 1.23 -1.23 -11.12
C ALA B 34 -0.09 -0.60 -10.71
N LYS B 35 -1.10 -0.74 -11.57
CA LYS B 35 -2.40 -0.13 -11.30
C LYS B 35 -3.08 -0.87 -10.08
N THR B 36 -2.99 -2.18 -10.11
CA THR B 36 -3.39 -2.98 -8.93
C THR B 36 -2.63 -2.60 -7.64
N TYR B 37 -1.31 -2.46 -7.78
CA TYR B 37 -0.49 -2.14 -6.62
C TYR B 37 -1.01 -0.87 -5.92
N TRP B 38 -1.16 0.22 -6.70
CA TRP B 38 -1.54 1.46 -6.13
C TRP B 38 -3.01 1.52 -5.65
N LYS B 39 -3.90 0.78 -6.29
CA LYS B 39 -5.30 0.66 -5.81
C LYS B 39 -5.36 0.18 -4.37
N GLN B 40 -4.35 -0.56 -3.94
CA GLN B 40 -4.33 -1.17 -2.59
C GLN B 40 -3.57 -0.37 -1.57
N ILE B 41 -3.02 0.81 -1.94
CA ILE B 41 -2.20 1.60 -1.03
C ILE B 41 -3.13 2.59 -0.32
N PRO B 42 -2.98 2.79 1.02
CA PRO B 42 -3.77 3.78 1.71
C PRO B 42 -3.52 5.18 1.21
N PRO B 43 -4.61 5.93 1.06
CA PRO B 43 -4.48 7.29 0.45
C PRO B 43 -3.96 8.31 1.48
N THR B 44 -2.70 8.15 1.85
CA THR B 44 -2.07 8.95 2.92
C THR B 44 -0.71 9.39 2.44
N VAL B 45 -0.12 10.40 3.08
CA VAL B 45 1.25 10.84 2.71
C VAL B 45 2.23 9.65 2.87
N ASP B 46 2.10 8.88 3.95
CA ASP B 46 3.01 7.74 4.16
C ASP B 46 2.80 6.67 3.09
N GLY B 47 1.56 6.53 2.59
CA GLY B 47 1.30 5.64 1.42
C GLY B 47 1.96 6.13 0.13
N MET B 48 1.82 7.43 -0.14
CA MET B 48 2.42 8.04 -1.32
C MET B 48 3.95 7.84 -1.29
N LEU B 49 4.54 7.89 -0.10
CA LEU B 49 6.03 7.85 0.06
C LEU B 49 6.55 6.52 0.53
N GLY B 50 5.74 5.46 0.46
CA GLY B 50 6.29 4.15 0.68
C GLY B 50 6.97 3.94 2.01
N GLY B 51 6.41 4.54 3.05
CA GLY B 51 6.91 4.43 4.40
C GLY B 51 7.86 5.55 4.77
N TYR B 52 8.17 6.45 3.83
CA TYR B 52 9.02 7.58 4.07
C TYR B 52 8.24 8.87 4.17
N GLY B 53 7.02 8.81 4.67
CA GLY B 53 6.27 10.03 4.87
C GLY B 53 7.00 11.11 5.64
N HIS B 54 7.83 10.70 6.61
CA HIS B 54 8.66 11.63 7.37
C HIS B 54 9.69 12.46 6.56
N ILE B 55 9.98 12.13 5.31
CA ILE B 55 10.86 13.00 4.49
C ILE B 55 10.08 14.01 3.65
N SER B 56 8.75 14.11 3.79
CA SER B 56 7.96 14.93 2.88
C SER B 56 8.40 16.39 2.95
N SER B 57 8.66 16.90 4.17
CA SER B 57 9.07 18.34 4.30
C SER B 57 10.43 18.59 3.65
N ILE B 58 11.38 17.66 3.83
CA ILE B 58 12.71 17.80 3.21
C ILE B 58 12.55 17.92 1.69
N ASP B 59 11.72 17.03 1.15
CA ASP B 59 11.47 16.98 -0.28
C ASP B 59 10.81 18.28 -0.78
N ILE B 60 9.72 18.66 -0.13
CA ILE B 60 8.93 19.83 -0.58
C ILE B 60 9.73 21.11 -0.46
N ASN B 61 10.40 21.27 0.68
CA ASN B 61 11.19 22.50 0.86
C ASN B 61 12.28 22.62 -0.22
N SER B 62 12.91 21.51 -0.59
CA SER B 62 13.95 21.56 -1.62
C SER B 62 13.29 21.85 -2.96
N SER B 63 12.17 21.19 -3.24
CA SER B 63 11.42 21.39 -4.49
C SER B 63 11.05 22.87 -4.68
N ARG B 64 10.62 23.47 -3.60
CA ARG B 64 10.18 24.86 -3.65
C ARG B 64 11.37 25.76 -4.02
N LYS B 65 12.52 25.52 -3.42
CA LYS B 65 13.70 26.36 -3.72
C LYS B 65 14.13 26.24 -5.19
N PHE B 66 14.07 24.99 -5.67
CA PHE B 66 14.40 24.65 -7.05
C PHE B 66 13.47 25.36 -8.04
N LEU B 67 12.20 25.35 -7.73
CA LEU B 67 11.20 25.93 -8.61
C LEU B 67 11.16 27.46 -8.56
N GLN B 68 11.33 28.03 -7.37
CA GLN B 68 11.20 29.48 -7.18
C GLN B 68 12.17 30.26 -8.02
N ARG B 69 13.33 29.68 -8.27
CA ARG B 69 14.31 30.38 -9.10
CA ARG B 69 14.31 30.29 -9.16
C ARG B 69 13.73 30.63 -10.53
N PHE B 70 12.92 29.71 -11.07
CA PHE B 70 12.31 29.89 -12.40
C PHE B 70 11.14 30.86 -12.36
N LEU B 71 10.42 30.83 -11.25
CA LEU B 71 9.23 31.69 -11.10
C LEU B 71 9.57 33.16 -10.83
N ARG B 72 10.79 33.48 -10.33
CA ARG B 72 11.15 34.86 -9.93
C ARG B 72 12.26 35.53 -10.75
N GLU B 73 12.99 34.74 -11.54
CA GLU B 73 14.16 35.22 -12.26
C GLU B 73 13.85 35.34 -13.75
N GLY B 74 14.01 36.52 -14.28
CA GLY B 74 13.98 36.76 -15.70
C GLY B 74 15.39 36.73 -16.30
N PRO B 75 15.51 37.04 -17.57
N PRO B 75 15.54 37.16 -17.56
CA PRO B 75 14.36 37.35 -18.43
CA PRO B 75 14.53 37.84 -18.40
C PRO B 75 13.62 36.07 -18.73
C PRO B 75 13.44 36.97 -19.01
N ASN B 76 12.41 36.17 -19.27
N ASN B 76 13.54 35.63 -18.87
CA ASN B 76 11.69 34.97 -19.70
CA ASN B 76 12.50 34.68 -19.35
C ASN B 76 11.37 34.12 -18.45
C ASN B 76 11.71 34.06 -18.21
N LYS B 77 10.93 34.83 -17.41
CA LYS B 77 10.45 34.26 -16.18
C LYS B 77 9.28 33.29 -16.39
N THR B 78 9.25 32.21 -15.66
CA THR B 78 8.08 31.31 -15.70
C THR B 78 6.88 31.91 -14.97
N GLY B 79 5.67 31.74 -15.55
CA GLY B 79 4.42 32.26 -15.01
C GLY B 79 3.90 31.41 -13.85
N THR B 80 2.82 31.93 -13.25
CA THR B 80 2.22 31.37 -12.07
C THR B 80 0.70 31.20 -12.22
N SER B 81 0.20 31.12 -13.45
CA SER B 81 -1.25 30.92 -13.64
C SER B 81 -1.77 29.49 -13.41
N CYS B 82 -0.99 28.47 -13.82
CA CYS B 82 -1.49 27.15 -13.85
C CYS B 82 -0.38 26.13 -13.85
N ALA B 83 -0.55 25.13 -13.01
CA ALA B 83 0.37 24.01 -12.96
C ALA B 83 -0.36 22.67 -13.12
N LEU B 84 0.35 21.66 -13.65
CA LEU B 84 -0.16 20.28 -13.76
C LEU B 84 0.67 19.37 -12.88
N ASP B 85 0.02 18.64 -11.98
CA ASP B 85 0.76 17.73 -11.04
C ASP B 85 0.51 16.32 -11.59
N CYS B 86 1.58 15.67 -12.08
CA CYS B 86 1.46 14.37 -12.77
C CYS B 86 1.82 13.20 -11.83
N GLY B 87 0.98 12.18 -11.82
CA GLY B 87 1.12 11.15 -10.80
C GLY B 87 0.89 11.76 -9.42
N ALA B 88 -0.10 12.67 -9.33
CA ALA B 88 -0.30 13.55 -8.14
C ALA B 88 -0.66 12.79 -6.88
N GLY B 89 -1.19 11.58 -7.01
CA GLY B 89 -1.69 10.91 -5.83
C GLY B 89 -2.80 11.71 -5.15
N ILE B 90 -2.75 11.72 -3.83
CA ILE B 90 -3.70 12.46 -3.00
C ILE B 90 -3.44 13.95 -3.00
N GLY B 91 -2.35 14.41 -3.64
CA GLY B 91 -2.03 15.81 -3.71
C GLY B 91 -1.05 16.30 -2.66
N ARG B 92 -0.11 15.45 -2.24
CA ARG B 92 0.92 15.87 -1.28
C ARG B 92 1.66 17.15 -1.79
N ILE B 93 2.05 17.10 -3.06
CA ILE B 93 2.78 18.16 -3.71
C ILE B 93 1.86 19.30 -4.10
N THR B 94 0.69 18.96 -4.60
CA THR B 94 -0.34 19.96 -4.89
C THR B 94 -0.63 20.83 -3.67
N LYS B 95 -0.77 20.22 -2.49
CA LYS B 95 -1.07 20.96 -1.26
C LYS B 95 0.03 21.92 -0.87
N ARG B 96 1.23 21.40 -0.75
CA ARG B 96 2.29 22.19 -0.12
C ARG B 96 3.19 22.92 -1.07
N LEU B 97 3.30 22.49 -2.31
CA LEU B 97 4.16 23.14 -3.26
C LEU B 97 3.36 23.99 -4.25
N LEU B 98 2.39 23.40 -4.92
CA LEU B 98 1.83 23.99 -6.12
C LEU B 98 0.68 24.98 -5.86
N LEU B 99 -0.31 24.57 -5.07
CA LEU B 99 -1.45 25.46 -4.78
C LEU B 99 -1.01 26.86 -4.22
N PRO B 100 0.00 26.90 -3.34
CA PRO B 100 0.38 28.21 -2.84
C PRO B 100 1.04 29.12 -3.90
N LEU B 101 1.58 28.57 -4.98
CA LEU B 101 2.35 29.29 -6.00
C LEU B 101 1.60 29.54 -7.32
N PHE B 102 0.60 28.74 -7.64
CA PHE B 102 -0.15 28.84 -8.89
C PHE B 102 -1.63 29.12 -8.64
N ARG B 103 -2.22 29.98 -9.46
CA ARG B 103 -3.62 30.39 -9.29
C ARG B 103 -4.52 29.19 -9.40
N GLU B 104 -4.20 28.28 -10.32
CA GLU B 104 -4.92 27.00 -10.47
C GLU B 104 -3.99 25.84 -10.68
N VAL B 105 -4.47 24.67 -10.32
CA VAL B 105 -3.70 23.45 -10.46
C VAL B 105 -4.60 22.36 -11.03
N ASP B 106 -4.08 21.56 -11.96
CA ASP B 106 -4.77 20.34 -12.43
C ASP B 106 -3.98 19.17 -11.89
N MET B 107 -4.68 18.08 -11.61
CA MET B 107 -4.05 16.87 -11.13
C MET B 107 -4.36 15.76 -12.08
N VAL B 108 -3.37 14.92 -12.32
CA VAL B 108 -3.57 13.70 -13.10
C VAL B 108 -2.95 12.52 -12.40
N ASP B 109 -3.73 11.47 -12.23
CA ASP B 109 -3.24 10.24 -11.61
C ASP B 109 -4.07 9.05 -12.09
N ILE B 110 -3.48 7.85 -12.08
CA ILE B 110 -4.18 6.68 -12.58
C ILE B 110 -5.23 6.14 -11.54
N THR B 111 -5.04 6.49 -10.26
CA THR B 111 -5.75 5.86 -9.14
C THR B 111 -6.93 6.73 -8.69
N GLU B 112 -8.14 6.34 -9.07
CA GLU B 112 -9.34 7.14 -8.78
CA GLU B 112 -9.33 7.14 -8.78
C GLU B 112 -9.45 7.52 -7.29
N ASP B 113 -9.25 6.55 -6.40
CA ASP B 113 -9.42 6.79 -4.97
C ASP B 113 -8.49 7.85 -4.41
N PHE B 114 -7.33 8.04 -5.03
CA PHE B 114 -6.41 9.07 -4.54
C PHE B 114 -6.92 10.44 -4.88
N LEU B 115 -7.53 10.57 -6.06
CA LEU B 115 -8.12 11.82 -6.49
C LEU B 115 -9.37 12.17 -5.70
N VAL B 116 -10.16 11.15 -5.33
CA VAL B 116 -11.26 11.34 -4.43
C VAL B 116 -10.75 11.81 -3.09
N GLN B 117 -9.74 11.12 -2.57
CA GLN B 117 -9.17 11.56 -1.27
C GLN B 117 -8.62 13.00 -1.34
N ALA B 118 -8.04 13.38 -2.47
CA ALA B 118 -7.46 14.70 -2.60
C ALA B 118 -8.46 15.81 -2.28
N LYS B 119 -9.73 15.60 -2.62
CA LYS B 119 -10.74 16.62 -2.41
CA LYS B 119 -10.80 16.56 -2.39
C LYS B 119 -10.87 16.93 -0.91
N THR B 120 -10.74 15.88 -0.06
CA THR B 120 -10.69 16.08 1.38
C THR B 120 -9.32 16.58 1.81
N TYR B 121 -8.27 15.92 1.37
CA TYR B 121 -6.88 16.23 1.83
C TYR B 121 -6.49 17.70 1.57
N LEU B 122 -6.87 18.21 0.41
CA LEU B 122 -6.51 19.60 0.04
C LEU B 122 -7.34 20.67 0.67
N GLY B 123 -8.46 20.29 1.28
CA GLY B 123 -9.25 21.25 2.02
C GLY B 123 -9.71 22.47 1.21
N GLU B 124 -9.83 23.63 1.85
CA GLU B 124 -10.31 24.88 1.23
CA GLU B 124 -10.36 24.82 1.20
C GLU B 124 -9.49 25.29 0.03
N GLU B 125 -8.16 25.17 0.12
CA GLU B 125 -7.33 25.61 -0.96
C GLU B 125 -7.51 24.74 -2.18
N GLY B 126 -7.90 23.48 -1.96
CA GLY B 126 -8.21 22.54 -3.02
C GLY B 126 -9.38 22.94 -3.93
N LYS B 127 -10.17 23.93 -3.55
CA LYS B 127 -11.16 24.47 -4.44
C LYS B 127 -10.51 25.10 -5.70
N ARG B 128 -9.21 25.41 -5.65
CA ARG B 128 -8.54 25.92 -6.82
C ARG B 128 -7.97 24.84 -7.73
N VAL B 129 -8.18 23.57 -7.39
CA VAL B 129 -7.89 22.51 -8.32
C VAL B 129 -8.95 22.58 -9.40
N ARG B 130 -8.50 22.78 -10.65
CA ARG B 130 -9.44 23.02 -11.74
C ARG B 130 -9.92 21.69 -12.32
N ASN B 131 -9.02 20.76 -12.62
CA ASN B 131 -9.38 19.43 -13.19
C ASN B 131 -8.69 18.35 -12.41
N TYR B 132 -9.42 17.29 -12.09
CA TYR B 132 -8.86 16.06 -11.55
C TYR B 132 -9.00 15.07 -12.71
N PHE B 133 -7.93 14.62 -13.32
CA PHE B 133 -7.96 13.73 -14.47
C PHE B 133 -7.54 12.34 -13.96
N CYS B 134 -8.43 11.38 -14.09
CA CYS B 134 -8.11 10.00 -13.73
C CYS B 134 -7.70 9.27 -14.98
N CYS B 135 -6.39 9.05 -15.14
CA CYS B 135 -5.84 8.57 -16.40
C CYS B 135 -4.40 8.15 -16.18
N GLY B 136 -3.92 7.12 -16.88
CA GLY B 136 -2.49 6.81 -16.87
C GLY B 136 -1.77 7.89 -17.73
N LEU B 137 -0.56 8.29 -17.33
CA LEU B 137 0.15 9.32 -18.13
C LEU B 137 0.37 8.83 -19.56
N GLN B 138 0.55 7.51 -19.69
CA GLN B 138 0.73 6.88 -21.02
C GLN B 138 -0.46 7.12 -21.94
N ASP B 139 -1.64 7.39 -21.38
CA ASP B 139 -2.86 7.67 -22.17
C ASP B 139 -3.30 9.16 -22.08
N PHE B 140 -2.47 10.01 -21.48
CA PHE B 140 -2.88 11.36 -21.17
C PHE B 140 -2.25 12.38 -22.10
N THR B 141 -3.07 13.29 -22.64
CA THR B 141 -2.64 14.40 -23.45
C THR B 141 -3.02 15.70 -22.76
N PRO B 142 -2.06 16.39 -22.17
CA PRO B 142 -2.35 17.72 -21.59
C PRO B 142 -2.72 18.71 -22.68
N GLU B 143 -3.67 19.61 -22.41
CA GLU B 143 -4.16 20.49 -23.46
C GLU B 143 -3.06 21.47 -23.88
N PRO B 144 -2.99 21.82 -25.17
CA PRO B 144 -1.99 22.82 -25.61
C PRO B 144 -2.06 24.14 -24.85
N ASP B 145 -0.90 24.76 -24.64
CA ASP B 145 -0.84 26.12 -24.15
C ASP B 145 -1.59 26.28 -22.81
N SER B 146 -1.45 25.30 -21.90
CA SER B 146 -2.22 25.30 -20.66
C SER B 146 -1.44 25.54 -19.36
N TYR B 147 -0.17 25.11 -19.32
CA TYR B 147 0.55 25.05 -18.05
C TYR B 147 1.87 25.82 -18.03
N ASP B 148 2.10 26.58 -16.97
CA ASP B 148 3.38 27.21 -16.73
C ASP B 148 4.36 26.21 -16.22
N VAL B 149 3.89 25.29 -15.37
CA VAL B 149 4.74 24.23 -14.84
C VAL B 149 4.02 22.90 -14.90
N ILE B 150 4.73 21.88 -15.41
CA ILE B 150 4.29 20.49 -15.36
C ILE B 150 5.26 19.75 -14.44
N TRP B 151 4.73 19.28 -13.33
CA TRP B 151 5.49 18.68 -12.27
C TRP B 151 5.27 17.18 -12.30
N ILE B 152 6.34 16.41 -12.48
CA ILE B 152 6.29 14.97 -12.65
C ILE B 152 7.20 14.35 -11.61
N GLN B 153 6.61 13.87 -10.51
CA GLN B 153 7.41 13.38 -9.40
C GLN B 153 7.02 11.98 -8.93
N TRP B 154 8.04 11.14 -8.79
CA TRP B 154 7.91 9.78 -8.20
C TRP B 154 6.87 8.96 -8.96
N VAL B 155 6.96 9.05 -10.31
CA VAL B 155 6.09 8.31 -11.20
C VAL B 155 6.72 7.90 -12.53
N ILE B 156 7.84 8.52 -12.95
CA ILE B 156 8.37 8.19 -14.28
C ILE B 156 8.74 6.71 -14.44
N GLY B 157 9.09 6.06 -13.34
CA GLY B 157 9.37 4.63 -13.32
C GLY B 157 8.22 3.72 -13.72
N HIS B 158 7.02 4.29 -13.79
CA HIS B 158 5.79 3.55 -14.16
C HIS B 158 5.50 3.58 -15.64
N LEU B 159 6.35 4.28 -16.41
CA LEU B 159 6.24 4.31 -17.85
C LEU B 159 7.41 3.64 -18.51
N THR B 160 7.15 3.00 -19.64
CA THR B 160 8.21 2.46 -20.45
C THR B 160 9.00 3.61 -21.01
N ASP B 161 10.24 3.35 -21.45
CA ASP B 161 11.08 4.39 -22.09
C ASP B 161 10.32 5.13 -23.20
N GLN B 162 9.73 4.35 -24.11
CA GLN B 162 9.00 4.93 -25.21
C GLN B 162 7.80 5.76 -24.74
N HIS B 163 7.02 5.26 -23.79
CA HIS B 163 5.88 6.05 -23.31
C HIS B 163 6.30 7.31 -22.57
N LEU B 164 7.43 7.26 -21.88
CA LEU B 164 7.91 8.41 -21.13
C LEU B 164 8.38 9.51 -22.10
N ALA B 165 9.15 9.11 -23.10
CA ALA B 165 9.57 10.07 -24.16
C ALA B 165 8.34 10.68 -24.87
N GLU B 166 7.36 9.85 -25.22
CA GLU B 166 6.14 10.32 -25.88
C GLU B 166 5.33 11.24 -24.96
N PHE B 167 5.22 10.85 -23.68
CA PHE B 167 4.52 11.73 -22.76
C PHE B 167 5.23 13.09 -22.60
N LEU B 168 6.54 13.08 -22.42
CA LEU B 168 7.30 14.33 -22.32
C LEU B 168 7.09 15.20 -23.54
N ARG B 169 7.09 14.61 -24.75
CA ARG B 169 6.80 15.34 -25.99
CA ARG B 169 6.84 15.40 -25.95
C ARG B 169 5.43 16.02 -25.93
N ARG B 170 4.41 15.28 -25.45
CA ARG B 170 3.06 15.85 -25.31
C ARG B 170 3.07 16.98 -24.28
N CYS B 171 3.82 16.81 -23.20
CA CYS B 171 3.97 17.88 -22.18
C CYS B 171 4.54 19.17 -22.75
N LYS B 172 5.54 19.05 -23.63
CA LYS B 172 6.19 20.20 -24.20
C LYS B 172 5.17 21.07 -24.96
N GLY B 173 4.27 20.43 -25.73
CA GLY B 173 3.18 21.11 -26.43
C GLY B 173 2.12 21.77 -25.56
N SER B 174 2.07 21.40 -24.29
N SER B 174 2.07 21.34 -24.30
CA SER B 174 1.10 21.97 -23.36
CA SER B 174 1.16 21.87 -23.28
C SER B 174 1.67 23.11 -22.49
C SER B 174 1.65 23.16 -22.59
N LEU B 175 2.94 23.44 -22.64
CA LEU B 175 3.55 24.54 -21.91
C LEU B 175 3.11 25.90 -22.45
N ARG B 176 2.86 26.81 -21.53
CA ARG B 176 2.72 28.21 -21.87
C ARG B 176 4.14 28.78 -22.16
N PRO B 177 4.21 29.99 -22.74
CA PRO B 177 5.51 30.66 -22.93
C PRO B 177 6.33 30.72 -21.65
N ASN B 178 7.60 30.35 -21.74
CA ASN B 178 8.53 30.32 -20.58
C ASN B 178 8.25 29.22 -19.59
N GLY B 179 7.27 28.38 -19.91
CA GLY B 179 6.90 27.27 -19.08
C GLY B 179 7.98 26.22 -19.01
N ILE B 180 7.91 25.42 -17.95
CA ILE B 180 8.88 24.34 -17.74
C ILE B 180 8.20 23.04 -17.32
N ILE B 181 8.90 21.95 -17.60
CA ILE B 181 8.59 20.62 -17.07
C ILE B 181 9.65 20.29 -16.02
N VAL B 182 9.21 19.81 -14.86
CA VAL B 182 10.16 19.34 -13.83
C VAL B 182 9.92 17.84 -13.64
N ILE B 183 11.01 17.08 -13.74
CA ILE B 183 11.01 15.67 -13.32
C ILE B 183 11.75 15.57 -12.01
N LYS B 184 11.17 14.97 -11.00
CA LYS B 184 11.90 14.70 -9.76
C LYS B 184 11.67 13.23 -9.40
N ASP B 185 12.74 12.45 -9.35
CA ASP B 185 12.53 11.01 -9.16
C ASP B 185 13.76 10.27 -8.72
N ASN B 186 13.53 9.00 -8.38
CA ASN B 186 14.62 8.09 -8.05
C ASN B 186 15.51 7.84 -9.26
N MET B 187 16.81 7.72 -9.02
CA MET B 187 17.78 7.46 -10.07
C MET B 187 18.62 6.27 -9.64
N ALA B 188 18.90 5.37 -10.57
CA ALA B 188 19.79 4.24 -10.29
C ALA B 188 21.24 4.62 -10.49
N GLN B 189 22.16 3.93 -9.78
CA GLN B 189 23.61 4.11 -10.01
C GLN B 189 23.95 3.73 -11.45
N GLU B 190 23.38 2.64 -11.94
CA GLU B 190 23.70 2.20 -13.30
C GLU B 190 22.59 1.36 -13.91
N GLY B 191 22.24 1.66 -15.17
CA GLY B 191 21.30 0.85 -15.94
C GLY B 191 19.86 1.13 -15.54
N VAL B 192 19.02 0.12 -15.79
CA VAL B 192 17.59 0.21 -15.57
C VAL B 192 17.17 -1.01 -14.75
N ILE B 193 16.52 -0.78 -13.60
CA ILE B 193 16.32 -1.84 -12.58
C ILE B 193 14.83 -1.96 -12.36
N LEU B 194 14.29 -3.16 -12.57
CA LEU B 194 12.86 -3.40 -12.31
C LEU B 194 12.65 -3.67 -10.81
N ASP B 195 11.70 -2.97 -10.23
CA ASP B 195 11.10 -3.37 -8.97
C ASP B 195 9.79 -4.20 -9.19
N ASP B 196 9.86 -5.50 -8.94
N ASP B 196 9.86 -5.50 -8.94
CA ASP B 196 8.70 -6.40 -9.06
CA ASP B 196 8.72 -6.38 -9.13
C ASP B 196 7.59 -6.14 -8.02
C ASP B 196 7.69 -6.31 -7.96
N VAL B 197 7.93 -5.48 -6.93
CA VAL B 197 6.96 -5.26 -5.83
C VAL B 197 5.85 -4.29 -6.28
N ASP B 198 6.23 -3.15 -6.86
CA ASP B 198 5.26 -2.16 -7.31
C ASP B 198 5.14 -2.03 -8.84
N SER B 199 5.92 -2.82 -9.59
CA SER B 199 5.87 -2.85 -11.05
C SER B 199 6.32 -1.49 -11.59
N SER B 200 7.56 -1.14 -11.24
CA SER B 200 8.21 0.09 -11.70
C SER B 200 9.69 -0.15 -11.99
N VAL B 201 10.30 0.80 -12.73
CA VAL B 201 11.74 0.78 -12.93
C VAL B 201 12.37 2.01 -12.33
N CYS B 202 13.67 1.89 -12.09
CA CYS B 202 14.55 2.95 -11.69
C CYS B 202 15.66 3.02 -12.76
N ARG B 203 15.95 4.22 -13.29
CA ARG B 203 16.91 4.41 -14.39
C ARG B 203 18.09 5.30 -13.98
N ASP B 204 19.25 5.07 -14.58
CA ASP B 204 20.39 5.92 -14.29
C ASP B 204 20.28 7.27 -14.99
N LEU B 205 21.18 8.18 -14.60
CA LEU B 205 21.13 9.54 -15.08
C LEU B 205 21.25 9.63 -16.61
N ASP B 206 22.14 8.82 -17.17
CA ASP B 206 22.41 8.80 -18.62
C ASP B 206 21.15 8.40 -19.39
N VAL B 207 20.43 7.40 -18.87
CA VAL B 207 19.24 6.91 -19.53
C VAL B 207 18.15 7.99 -19.48
N VAL B 208 18.00 8.64 -18.35
CA VAL B 208 17.00 9.70 -18.20
C VAL B 208 17.30 10.88 -19.13
N ARG B 209 18.54 11.31 -19.14
CA ARG B 209 18.93 12.38 -20.05
C ARG B 209 18.73 12.04 -21.52
N ARG B 210 19.01 10.80 -21.92
CA ARG B 210 18.75 10.32 -23.27
CA ARG B 210 18.74 10.32 -23.28
C ARG B 210 17.26 10.45 -23.62
N ILE B 211 16.41 10.08 -22.69
CA ILE B 211 14.97 10.09 -22.93
C ILE B 211 14.47 11.54 -23.04
N ILE B 212 14.97 12.41 -22.18
CA ILE B 212 14.67 13.84 -22.24
C ILE B 212 15.05 14.40 -23.63
N CYS B 213 16.25 14.07 -24.07
CA CYS B 213 16.74 14.52 -25.34
C CYS B 213 15.87 13.99 -26.51
N SER B 214 15.48 12.72 -26.46
CA SER B 214 14.60 12.15 -27.52
C SER B 214 13.21 12.81 -27.56
N ALA B 215 12.78 13.38 -26.44
CA ALA B 215 11.52 14.13 -26.38
C ALA B 215 11.63 15.59 -26.92
N GLY B 216 12.82 16.02 -27.32
CA GLY B 216 13.04 17.35 -27.90
C GLY B 216 13.07 18.41 -26.81
N LEU B 217 13.46 18.02 -25.59
CA LEU B 217 13.55 18.92 -24.47
C LEU B 217 14.97 19.26 -24.18
N SER B 218 15.18 20.45 -23.63
CA SER B 218 16.49 20.93 -23.22
C SER B 218 16.56 20.88 -21.72
N LEU B 219 17.74 20.56 -21.21
CA LEU B 219 17.95 20.52 -19.78
CA LEU B 219 18.01 20.53 -19.77
C LEU B 219 18.33 21.92 -19.27
N LEU B 220 17.50 22.49 -18.40
CA LEU B 220 17.77 23.84 -17.87
C LEU B 220 18.54 23.77 -16.57
N ALA B 221 18.29 22.76 -15.78
CA ALA B 221 18.96 22.63 -14.50
C ALA B 221 18.78 21.19 -14.01
N GLU B 222 19.73 20.77 -13.21
CA GLU B 222 19.75 19.43 -12.66
C GLU B 222 20.28 19.56 -11.24
N GLU B 223 19.60 18.90 -10.30
CA GLU B 223 19.95 18.98 -8.88
C GLU B 223 19.72 17.69 -8.11
N ARG B 224 20.72 17.24 -7.38
CA ARG B 224 20.54 16.11 -6.46
C ARG B 224 19.88 16.55 -5.17
N GLN B 225 18.87 15.82 -4.74
CA GLN B 225 18.24 16.03 -3.45
C GLN B 225 19.19 15.67 -2.27
N GLU B 226 19.36 16.63 -1.37
CA GLU B 226 20.19 16.45 -0.19
C GLU B 226 19.36 15.91 0.99
N ASN B 227 20.06 15.48 2.02
CA ASN B 227 19.49 15.16 3.32
C ASN B 227 18.55 13.99 3.31
N LEU B 228 18.77 13.02 2.42
CA LEU B 228 17.92 11.83 2.39
C LEU B 228 18.57 10.70 3.13
N PRO B 229 17.79 9.71 3.54
CA PRO B 229 18.38 8.55 4.23
C PRO B 229 19.36 7.86 3.31
N ASP B 230 20.42 7.30 3.87
CA ASP B 230 21.47 6.69 3.06
C ASP B 230 20.99 5.45 2.29
N GLU B 231 19.98 4.74 2.79
CA GLU B 231 19.58 3.44 2.22
C GLU B 231 18.70 3.54 0.97
N ILE B 232 18.23 4.73 0.60
CA ILE B 232 17.33 4.87 -0.52
C ILE B 232 18.03 5.32 -1.81
N TYR B 233 17.37 5.09 -2.96
CA TYR B 233 17.91 5.54 -4.24
C TYR B 233 18.10 7.05 -4.15
N HIS B 234 19.18 7.51 -4.78
CA HIS B 234 19.41 8.97 -4.92
C HIS B 234 18.24 9.56 -5.70
N VAL B 235 17.90 10.83 -5.40
CA VAL B 235 16.81 11.53 -6.04
C VAL B 235 17.34 12.80 -6.72
N TYR B 236 16.94 12.99 -7.98
CA TYR B 236 17.35 14.17 -8.78
C TYR B 236 16.13 14.91 -9.30
N SER B 237 16.29 16.25 -9.46
CA SER B 237 15.34 17.15 -10.07
C SER B 237 15.98 17.67 -11.38
N PHE B 238 15.16 17.73 -12.42
CA PHE B 238 15.49 18.18 -13.76
C PHE B 238 14.45 19.23 -14.17
N ALA B 239 14.88 20.40 -14.59
CA ALA B 239 14.01 21.41 -15.17
C ALA B 239 14.27 21.43 -16.66
N LEU B 240 13.20 21.43 -17.43
CA LEU B 240 13.25 21.15 -18.87
C LEU B 240 12.29 22.10 -19.61
N ARG B 241 12.64 22.43 -20.85
CA ARG B 241 11.66 22.97 -21.79
C ARG B 241 12.02 22.76 -23.24
O 3BY C 1 1.76 -6.62 14.25
O 3BY C 1 1.58 -6.67 14.24
C 3BY C 1 1.07 -6.14 13.33
C 3BY C 1 0.98 -6.16 13.29
CA 3BY C 1 -0.36 -5.70 13.58
CA 3BY C 1 -0.48 -5.71 13.48
CB 3BY C 1 -0.37 -4.12 13.65
CB 3BY C 1 -0.49 -4.19 13.61
CG 3BY C 1 -0.23 -3.89 15.16
CG 3BY C 1 -0.39 -4.00 15.12
CD 3BY C 1 -0.55 -5.19 15.93
CD 3BY C 1 -0.55 -5.37 15.81
N 3BY C 1 -0.98 -6.12 14.85
N 3BY C 1 -1.13 -6.16 14.70
CN 3BY C 1 -2.45 -6.22 14.70
CN 3BY C 1 -0.87 -7.59 14.94
N PRO C 2 1.56 -5.92 12.10
CA PRO C 2 3.01 -6.07 11.93
C PRO C 2 3.69 -5.13 12.93
N LYS C 3 4.83 -5.54 13.47
CA LYS C 3 5.48 -4.76 14.53
C LYS C 3 6.95 -5.04 14.66
N ARG C 4 7.66 -4.02 15.17
CA ARG C 4 9.10 -4.08 15.46
CA ARG C 4 9.09 -4.10 15.44
C ARG C 4 9.39 -5.23 16.41
N ILE C 5 10.45 -5.98 16.13
CA ILE C 5 10.92 -7.00 17.03
C ILE C 5 11.34 -6.29 18.33
N ALA C 6 10.78 -6.70 19.45
CA ALA C 6 11.16 -6.14 20.75
C ALA C 6 12.56 -6.61 21.12
O 3BY D 1 10.16 5.56 -4.40
O 3BY D 1 10.11 5.64 -4.51
C 3BY D 1 9.50 6.38 -3.76
C 3BY D 1 9.47 6.44 -3.82
CA 3BY D 1 7.98 6.42 -3.93
CA 3BY D 1 7.96 6.55 -4.00
CB 3BY D 1 7.36 5.76 -2.69
CB 3BY D 1 7.33 5.78 -2.87
CG 3BY D 1 7.13 4.32 -3.18
CG 3BY D 1 7.44 4.40 -3.47
CD 3BY D 1 7.33 4.25 -4.66
CD 3BY D 1 6.94 4.55 -4.89
N 3BY D 1 7.44 5.69 -5.08
N 3BY D 1 7.49 5.89 -5.21
CN 3BY D 1 6.14 6.28 -5.50
CN 3BY D 1 8.48 5.88 -6.31
N PRO D 2 10.04 7.21 -2.87
CA PRO D 2 11.40 6.94 -2.44
C PRO D 2 11.43 5.50 -1.90
N LYS D 3 12.53 4.79 -2.15
CA LYS D 3 12.58 3.40 -1.75
C LYS D 3 13.99 2.88 -1.55
N ARG D 4 14.10 1.83 -0.72
CA ARG D 4 15.39 1.19 -0.44
C ARG D 4 16.02 0.68 -1.73
N ILE D 5 17.34 0.82 -1.85
CA ILE D 5 18.05 0.27 -3.01
C ILE D 5 17.99 -1.26 -2.90
N ALA D 6 17.60 -1.92 -3.99
CA ALA D 6 17.52 -3.38 -4.06
C ALA D 6 18.88 -4.02 -3.77
N SAH E . -6.82 -8.46 10.47
CA SAH E . -7.05 -7.03 10.15
CB SAH E . -6.91 -6.08 11.40
CG SAH E . -5.62 -6.29 12.20
SD SAH E . -5.54 -5.24 13.66
C SAH E . -6.04 -6.61 9.13
O SAH E . -4.98 -7.25 8.95
OXT SAH E . -6.24 -5.53 8.51
C5' SAH E . -6.07 -6.42 14.90
C4' SAH E . -7.57 -6.57 15.01
O4' SAH E . -7.89 -7.60 15.96
C3' SAH E . -8.32 -5.30 15.49
O3' SAH E . -9.37 -5.01 14.54
C2' SAH E . -8.88 -5.68 16.86
O2' SAH E . -10.13 -5.11 17.25
C1' SAH E . -9.05 -7.19 16.71
N9 SAH E . -9.05 -7.98 17.94
C8 SAH E . -8.18 -7.92 18.96
N7 SAH E . -8.45 -8.89 19.87
C5 SAH E . -9.51 -9.56 19.40
C6 SAH E . -10.30 -10.72 19.85
N6 SAH E . -9.96 -11.32 21.02
N1 SAH E . -11.31 -11.15 19.08
C2 SAH E . -11.59 -10.57 17.88
N3 SAH E . -10.93 -9.50 17.40
C4 SAH E . -9.87 -8.99 18.10
C1 GOL F . 7.16 -0.48 1.31
O1 GOL F . 6.35 -0.96 2.39
C2 GOL F . 6.18 0.06 0.31
O2 GOL F . 5.29 0.98 0.94
C3 GOL F . 6.82 0.79 -0.83
O3 GOL F . 5.73 1.12 -1.72
C1 GOL G . -28.28 -14.42 2.18
O1 GOL G . -27.56 -13.19 2.11
C2 GOL G . -27.55 -15.43 3.09
O2 GOL G . -26.37 -15.90 2.42
C3 GOL G . -28.48 -16.58 3.52
O3 GOL G . -28.38 -17.80 2.76
UNK UNX H . -2.31 6.10 21.71
UNK UNX I . -13.29 -21.87 -7.06
UNK UNX J . -17.54 -13.61 -6.68
UNK UNX K . -7.92 -19.30 31.77
UNK UNX L . -16.85 -20.14 22.86
UNK UNX M . -6.94 1.46 1.84
UNK UNX N . -24.90 -23.53 7.12
UNK UNX O . 12.28 -15.25 12.92
UNK UNX P . 2.57 -23.33 32.19
UNK UNX Q . -1.45 -11.64 16.30
UNK UNX R . -25.67 -8.09 2.84
UNK UNX S . -10.82 -18.96 29.88
UNK UNX T . -8.57 -26.36 -1.77
UNK UNX U . -26.79 -18.38 7.17
UNK UNX V . -3.90 -32.85 13.45
UNK UNX W . -16.33 -3.12 21.16
UNK UNX X . 2.96 -9.19 32.45
UNK UNX Y . -11.02 -3.65 -4.82
UNK UNX Z . -4.13 -21.47 27.51
UNK UNX AA . 11.44 -17.08 9.80
UNK UNX BA . -1.28 2.65 15.57
UNK UNX CA . -13.16 -13.17 27.08
UNK UNX DA . -14.13 -1.50 21.83
UNK UNX EA . -14.27 -19.26 25.49
UNK UNX FA . -14.31 -29.57 -6.76
UNK UNX GA . -15.66 -31.34 -5.12
N SAH HA . 3.78 12.15 -6.99
CA SAH HA . 3.05 11.97 -5.71
CB SAH HA . 2.62 10.48 -5.51
CG SAH HA . 3.77 9.48 -5.59
SD SAH HA . 3.15 7.80 -5.40
C SAH HA . 3.92 12.39 -4.56
O SAH HA . 3.38 12.58 -3.45
OXT SAH HA . 5.17 12.45 -4.69
C5' SAH HA . 3.02 7.30 -7.09
C4' SAH HA . 1.78 7.77 -7.82
O4' SAH HA . 1.83 7.32 -9.18
C3' SAH HA . 0.46 7.20 -7.25
O3' SAH HA . -0.47 8.23 -6.93
C2' SAH HA . -0.05 6.29 -8.35
O2' SAH HA . -1.45 6.16 -8.44
C1' SAH HA . 0.51 6.96 -9.56
N9 SAH HA . 0.69 6.18 -10.80
C8 SAH HA . 1.26 4.97 -10.94
N7 SAH HA . 1.32 4.65 -12.27
C5 SAH HA . 0.79 5.66 -12.95
C6 SAH HA . 0.56 5.97 -14.37
N6 SAH HA . 0.91 5.04 -15.29
N1 SAH HA . -0.03 7.14 -14.68
C2 SAH HA . -0.39 8.06 -13.74
N3 SAH HA . -0.23 7.82 -12.42
C4 SAH HA . 0.37 6.68 -11.99
UNK UNX IA . 6.48 34.74 -12.36
UNK UNX JA . -1.13 32.31 -6.55
UNK UNX KA . 9.83 15.69 -30.36
UNK UNX KA . 9.30 11.58 -28.14
UNK UNX LA . 23.04 15.39 2.03
UNK UNX MA . -11.47 20.20 -4.74
UNK UNX NA . 24.03 9.79 -8.07
UNK UNX OA . 23.64 6.47 -7.55
UNK UNX PA . 9.24 24.72 -24.44
UNK UNX QA . -6.02 12.92 -22.30
UNK UNX RA . 14.93 20.44 2.42
UNK UNX SA . 3.29 35.03 -8.35
UNK UNX TA . -8.43 30.63 -8.93
UNK UNX UA . 9.85 -0.90 -22.79
UNK UNX VA . 1.70 34.25 -14.70
UNK UNX WA . 15.81 22.68 1.20
UNK UNX XA . -5.21 2.56 -17.25
UNK UNX YA . -7.65 32.49 -7.13
UNK UNX ZA . -7.02 5.12 -14.61
UNK UNX AB . 17.50 22.08 -0.94
UNK UNX BB . -12.46 11.16 -11.59
UNK UNX CB . 5.46 18.68 -28.44
UNK UNX DB . 4.78 1.20 -2.08
UNK UNX EB . -0.42 -9.48 17.39
UNK UNX FB . 9.11 4.46 -8.89
#